data_8AK7
#
_entry.id   8AK7
#
_cell.length_a   91.072
_cell.length_b   91.072
_cell.length_c   143.251
_cell.angle_alpha   90.000
_cell.angle_beta   90.000
_cell.angle_gamma   120.000
#
_symmetry.space_group_name_H-M   'P 63'
#
loop_
_entity.id
_entity.type
_entity.pdbx_description
1 polymer 'NAD-dependent protein deacetylase sirtuin-6'
2 non-polymer '[(2R,3S,4R,5R)-5-(6-AMINOPURIN-9-YL)-3,4-DIHYDROXY-OXOLAN-2-YL]METHYL [HYDROXY-[[(2R,3S,4R,5S)-3,4,5-TRIHYDROXYOXOLAN-2-YL]METHOXY]PHOSPHORYL] HYDROGEN PHOSPHATE'
3 non-polymer 'ZINC ION'
4 non-polymer 6-O-methylguanine
5 non-polymer 1,2-ETHANEDIOL
6 non-polymer 'TETRAETHYLENE GLYCOL'
7 non-polymer DI(HYDROXYETHYL)ETHER
8 non-polymer 'SULFATE ION'
9 non-polymer 'CHLORIDE ION'
10 non-polymer 'TRIETHYLENE GLYCOL'
11 water water
#
_entity_poly.entity_id   1
_entity_poly.type   'polypeptide(L)'
_entity_poly.pdbx_seq_one_letter_code
;GIDPFTADKGKCGLPEIFDPPEELERKVWELARLVWQSSSVVFHTGAGISTASGIPDFRGPHGVWTMEERGLAPKFDTTF
ESARPTQTHMALVQLERVGLLRFLVSQNVDGLHVRSGFPRDKLAELHGNMFVEECAKCKTQYVRDTVVGTMGLKATGRLC
TVAKARGLRACRGELRDTILDWEDSLPDRDLALADEASRNADLSITLGTSLQIRPSGNLPLATKRRGGRLVIVNLQPTKH
DRHADLRIHGYVDEVMTRLMKHLGLEIPAWDGPRVLERALPPLPRPPTPKLEPKEESPTRIN
;
_entity_poly.pdbx_strand_id   A,B
#
# COMPACT_ATOMS: atom_id res chain seq x y z
N PRO A 4 -16.64 -2.94 -26.93
CA PRO A 4 -16.59 -2.56 -25.51
C PRO A 4 -16.95 -3.77 -24.62
N PHE A 5 -18.20 -4.21 -24.75
CA PHE A 5 -18.69 -5.48 -24.17
C PHE A 5 -17.85 -6.63 -24.75
N THR A 6 -17.57 -6.58 -26.06
CA THR A 6 -16.88 -7.66 -26.80
C THR A 6 -15.36 -7.41 -26.87
N ALA A 7 -14.89 -6.25 -26.41
CA ALA A 7 -13.47 -5.83 -26.52
C ALA A 7 -12.54 -6.95 -26.06
N ASP A 8 -11.47 -7.21 -26.81
CA ASP A 8 -10.46 -8.23 -26.42
C ASP A 8 -9.78 -7.77 -25.13
N LYS A 9 -9.94 -8.54 -24.06
CA LYS A 9 -9.38 -8.19 -22.73
C LYS A 9 -8.13 -9.03 -22.48
N GLY A 10 -7.73 -9.86 -23.44
CA GLY A 10 -6.41 -10.54 -23.50
C GLY A 10 -6.40 -11.81 -22.68
N LYS A 11 -5.21 -12.32 -22.39
CA LYS A 11 -5.00 -13.50 -21.51
C LYS A 11 -5.07 -13.01 -20.06
N CYS A 12 -6.01 -13.54 -19.30
CA CYS A 12 -6.34 -13.11 -17.91
C CYS A 12 -6.12 -14.29 -16.97
N GLY A 13 -5.54 -14.05 -15.80
CA GLY A 13 -5.45 -15.02 -14.70
C GLY A 13 -4.40 -16.09 -14.92
N LEU A 14 -3.41 -15.84 -15.79
CA LEU A 14 -2.22 -16.73 -15.93
C LEU A 14 -1.56 -16.92 -14.56
N PRO A 15 -0.95 -18.10 -14.34
CA PRO A 15 -0.30 -18.41 -13.07
C PRO A 15 0.85 -17.44 -12.76
N GLU A 16 1.05 -17.16 -11.48
CA GLU A 16 2.18 -16.31 -11.03
C GLU A 16 3.45 -17.18 -11.02
N ILE A 17 4.60 -16.58 -11.29
CA ILE A 17 5.94 -17.20 -11.16
C ILE A 17 6.69 -16.43 -10.05
N PHE A 18 7.36 -17.17 -9.19
CA PHE A 18 8.20 -16.65 -8.08
C PHE A 18 9.61 -17.19 -8.27
N ASP A 19 10.55 -16.34 -8.70
CA ASP A 19 11.99 -16.66 -8.69
C ASP A 19 12.36 -16.99 -7.24
N PRO A 20 13.07 -18.11 -6.98
CA PRO A 20 13.52 -18.43 -5.63
C PRO A 20 14.56 -17.39 -5.18
N PRO A 21 14.72 -17.19 -3.85
CA PRO A 21 15.48 -16.05 -3.32
C PRO A 21 16.88 -15.86 -3.94
N GLU A 22 17.63 -16.95 -4.10
CA GLU A 22 19.02 -16.94 -4.64
C GLU A 22 19.02 -16.45 -6.09
N GLU A 23 18.08 -16.93 -6.91
CA GLU A 23 17.94 -16.52 -8.33
C GLU A 23 17.47 -15.05 -8.40
N LEU A 24 16.64 -14.65 -7.47
CA LEU A 24 16.04 -13.28 -7.41
C LEU A 24 17.15 -12.29 -7.00
N GLU A 25 17.91 -12.61 -5.96
CA GLU A 25 19.06 -11.76 -5.50
C GLU A 25 20.05 -11.56 -6.66
N ARG A 26 20.37 -12.62 -7.40
CA ARG A 26 21.34 -12.56 -8.54
C ARG A 26 20.76 -11.68 -9.67
N LYS A 27 19.49 -11.84 -10.01
CA LYS A 27 18.89 -11.08 -11.14
C LYS A 27 18.79 -9.58 -10.78
N VAL A 28 18.50 -9.23 -9.53
CA VAL A 28 18.39 -7.78 -9.15
C VAL A 28 19.79 -7.15 -9.21
N TRP A 29 20.86 -7.90 -8.93
CA TRP A 29 22.26 -7.45 -9.08
C TRP A 29 22.57 -7.24 -10.56
N GLU A 30 22.11 -8.16 -11.42
CA GLU A 30 22.29 -8.02 -12.89
C GLU A 30 21.54 -6.77 -13.40
N LEU A 31 20.37 -6.45 -12.84
CA LEU A 31 19.58 -5.25 -13.21
C LEU A 31 20.37 -3.98 -12.82
N ALA A 32 20.87 -3.93 -11.58
CA ALA A 32 21.81 -2.88 -11.10
C ALA A 32 22.95 -2.71 -12.09
N ARG A 33 23.65 -3.79 -12.45
CA ARG A 33 24.75 -3.77 -13.47
C ARG A 33 24.23 -3.09 -14.74
N LEU A 34 23.05 -3.46 -15.23
CA LEU A 34 22.50 -2.90 -16.49
C LEU A 34 22.18 -1.41 -16.33
N VAL A 35 21.67 -1.00 -15.18
CA VAL A 35 21.33 0.43 -14.93
C VAL A 35 22.65 1.22 -14.94
N TRP A 36 23.69 0.70 -14.29
CA TRP A 36 25.05 1.32 -14.22
C TRP A 36 25.63 1.49 -15.63
N GLN A 37 25.46 0.49 -16.49
CA GLN A 37 26.08 0.46 -17.84
C GLN A 37 25.30 1.31 -18.84
N SER A 38 24.08 1.72 -18.51
CA SER A 38 23.15 2.33 -19.49
C SER A 38 23.20 3.85 -19.41
N SER A 39 23.29 4.50 -20.57
CA SER A 39 23.24 5.98 -20.74
C SER A 39 21.81 6.51 -20.66
N SER A 40 20.83 5.74 -21.14
CA SER A 40 19.44 6.19 -21.32
C SER A 40 18.46 5.08 -20.87
N VAL A 41 17.95 5.16 -19.63
CA VAL A 41 17.04 4.13 -19.04
C VAL A 41 15.59 4.63 -19.10
N VAL A 42 14.72 3.87 -19.75
CA VAL A 42 13.27 4.17 -19.81
C VAL A 42 12.54 3.08 -19.04
N PHE A 43 11.68 3.50 -18.14
CA PHE A 43 10.80 2.59 -17.38
C PHE A 43 9.41 2.59 -18.01
N HIS A 44 8.82 1.41 -18.08
CA HIS A 44 7.45 1.16 -18.57
C HIS A 44 6.64 0.57 -17.42
N THR A 45 5.60 1.27 -16.96
CA THR A 45 4.77 0.84 -15.80
C THR A 45 3.32 0.59 -16.19
N GLY A 46 2.74 -0.45 -15.59
CA GLY A 46 1.32 -0.84 -15.67
C GLY A 46 0.83 -1.14 -14.26
N ALA A 47 -0.32 -1.78 -14.15
CA ALA A 47 -1.21 -1.77 -12.96
C ALA A 47 -0.58 -2.55 -11.80
N GLY A 48 0.33 -3.47 -12.11
CA GLY A 48 1.13 -4.23 -11.15
C GLY A 48 1.90 -3.35 -10.18
N ILE A 49 2.29 -2.14 -10.57
CA ILE A 49 3.01 -1.24 -9.60
C ILE A 49 2.06 -0.57 -8.60
N SER A 50 0.73 -0.75 -8.67
CA SER A 50 -0.22 -0.08 -7.75
C SER A 50 -1.00 -1.09 -6.90
N THR A 51 -0.78 -2.39 -7.12
CA THR A 51 -1.49 -3.46 -6.38
C THR A 51 -1.13 -3.36 -4.88
N ALA A 52 0.09 -3.01 -4.52
CA ALA A 52 0.54 -2.92 -3.10
C ALA A 52 -0.01 -1.66 -2.41
N SER A 53 -0.65 -0.76 -3.14
CA SER A 53 -1.44 0.37 -2.58
C SER A 53 -2.94 0.09 -2.53
N GLY A 54 -3.42 -1.14 -2.82
CA GLY A 54 -4.84 -1.48 -2.70
C GLY A 54 -5.62 -1.36 -4.00
N ILE A 55 -4.97 -1.00 -5.10
CA ILE A 55 -5.64 -0.85 -6.43
C ILE A 55 -5.44 -2.15 -7.20
N PRO A 56 -6.53 -2.90 -7.53
CA PRO A 56 -6.39 -4.18 -8.23
C PRO A 56 -5.86 -3.91 -9.63
N ASP A 57 -5.08 -4.83 -10.19
CA ASP A 57 -4.67 -4.83 -11.62
C ASP A 57 -5.83 -5.37 -12.47
N PHE A 58 -5.58 -5.57 -13.77
CA PHE A 58 -6.59 -5.97 -14.78
C PHE A 58 -6.56 -7.49 -15.01
N ARG A 59 -5.36 -8.07 -15.14
CA ARG A 59 -5.18 -9.45 -15.67
C ARG A 59 -4.47 -10.35 -14.65
N GLY A 60 -4.23 -9.88 -13.43
CA GLY A 60 -3.65 -10.71 -12.35
C GLY A 60 -4.66 -11.73 -11.79
N PRO A 61 -4.27 -12.61 -10.83
CA PRO A 61 -5.21 -13.60 -10.31
C PRO A 61 -6.56 -13.00 -9.86
N HIS A 62 -6.52 -11.84 -9.18
CA HIS A 62 -7.71 -11.07 -8.72
C HIS A 62 -7.89 -9.79 -9.52
N GLY A 63 -7.38 -9.75 -10.75
CA GLY A 63 -7.55 -8.57 -11.62
C GLY A 63 -9.01 -8.26 -11.96
N VAL A 64 -9.28 -7.00 -12.33
CA VAL A 64 -10.59 -6.51 -12.85
C VAL A 64 -11.15 -7.48 -13.92
N TRP A 65 -10.45 -7.66 -15.04
CA TRP A 65 -10.93 -8.56 -16.13
C TRP A 65 -10.94 -10.02 -15.68
N THR A 66 -9.91 -10.50 -15.00
CA THR A 66 -9.87 -11.90 -14.46
C THR A 66 -11.14 -12.17 -13.65
N MET A 67 -11.49 -11.29 -12.72
CA MET A 67 -12.61 -11.53 -11.78
C MET A 67 -13.92 -11.49 -12.57
N GLU A 68 -14.04 -10.53 -13.49
CA GLU A 68 -15.22 -10.40 -14.40
C GLU A 68 -15.48 -11.74 -15.10
N GLU A 69 -14.42 -12.33 -15.69
CA GLU A 69 -14.44 -13.64 -16.41
C GLU A 69 -15.02 -14.76 -15.54
N ARG A 70 -14.85 -14.68 -14.22
CA ARG A 70 -15.34 -15.70 -13.25
C ARG A 70 -16.59 -15.21 -12.53
N GLY A 71 -17.21 -14.14 -13.02
CA GLY A 71 -18.41 -13.54 -12.39
C GLY A 71 -18.17 -12.99 -10.99
N LEU A 72 -16.92 -12.60 -10.66
CA LEU A 72 -16.61 -11.96 -9.35
C LEU A 72 -16.27 -10.50 -9.61
N ALA A 73 -16.12 -9.71 -8.53
CA ALA A 73 -15.88 -8.25 -8.63
C ALA A 73 -14.43 -8.00 -8.25
N PRO A 74 -13.76 -6.98 -8.85
CA PRO A 74 -12.45 -6.57 -8.37
C PRO A 74 -12.66 -6.00 -6.97
N LYS A 75 -11.61 -5.95 -6.15
CA LYS A 75 -11.67 -5.39 -4.77
C LYS A 75 -10.64 -4.25 -4.64
N PHE A 76 -11.09 -3.07 -4.21
CA PHE A 76 -10.22 -1.91 -3.86
C PHE A 76 -10.07 -1.86 -2.34
N ASP A 77 -8.83 -1.67 -1.85
CA ASP A 77 -8.56 -1.52 -0.39
C ASP A 77 -8.29 -0.04 -0.11
N THR A 78 -8.55 0.80 -1.11
CA THR A 78 -8.34 2.26 -1.10
C THR A 78 -9.31 2.91 -2.08
N THR A 79 -9.56 4.20 -1.94
CA THR A 79 -10.10 5.03 -3.04
C THR A 79 -8.90 5.51 -3.86
N PHE A 80 -9.16 6.03 -5.05
CA PHE A 80 -8.07 6.62 -5.87
C PHE A 80 -7.44 7.78 -5.09
N GLU A 81 -8.28 8.55 -4.38
CA GLU A 81 -7.90 9.77 -3.63
C GLU A 81 -7.06 9.40 -2.41
N SER A 82 -7.38 8.31 -1.72
CA SER A 82 -6.63 7.90 -0.49
C SER A 82 -5.46 6.96 -0.81
N ALA A 83 -5.17 6.69 -2.09
CA ALA A 83 -4.11 5.73 -2.47
C ALA A 83 -2.75 6.42 -2.28
N ARG A 84 -1.81 5.71 -1.67
CA ARG A 84 -0.43 6.20 -1.48
C ARG A 84 0.44 5.60 -2.57
N PRO A 85 1.31 6.44 -3.20
CA PRO A 85 2.37 5.93 -4.05
C PRO A 85 3.12 4.83 -3.29
N THR A 86 3.43 3.74 -3.98
CA THR A 86 4.18 2.59 -3.42
C THR A 86 5.66 2.96 -3.38
N GLN A 87 6.41 2.17 -2.62
CA GLN A 87 7.89 2.08 -2.65
C GLN A 87 8.38 2.15 -4.10
N THR A 88 7.74 1.44 -5.02
CA THR A 88 8.15 1.40 -6.46
C THR A 88 7.93 2.78 -7.08
N HIS A 89 6.75 3.38 -6.91
CA HIS A 89 6.47 4.79 -7.32
C HIS A 89 7.59 5.72 -6.83
N MET A 90 7.90 5.69 -5.53
CA MET A 90 8.85 6.64 -4.90
C MET A 90 10.28 6.31 -5.36
N ALA A 91 10.61 5.03 -5.57
CA ALA A 91 11.93 4.64 -6.14
C ALA A 91 12.09 5.34 -7.49
N LEU A 92 11.02 5.39 -8.30
CA LEU A 92 11.09 5.95 -9.69
C LEU A 92 11.28 7.47 -9.64
N VAL A 93 10.70 8.12 -8.62
CA VAL A 93 10.89 9.58 -8.36
C VAL A 93 12.40 9.82 -8.17
N GLN A 94 13.01 9.08 -7.24
CA GLN A 94 14.44 9.24 -6.89
C GLN A 94 15.34 8.94 -8.07
N LEU A 95 15.01 7.94 -8.89
CA LEU A 95 15.86 7.48 -10.04
C LEU A 95 15.85 8.59 -11.10
N GLU A 96 14.72 9.25 -11.28
CA GLU A 96 14.65 10.42 -12.20
C GLU A 96 15.47 11.56 -11.56
N ARG A 97 15.37 11.76 -10.24
CA ARG A 97 15.98 12.94 -9.58
C ARG A 97 17.52 12.88 -9.70
N VAL A 98 18.10 11.67 -9.66
CA VAL A 98 19.58 11.46 -9.69
C VAL A 98 20.07 11.21 -11.11
N GLY A 99 19.19 11.30 -12.12
CA GLY A 99 19.55 11.19 -13.55
C GLY A 99 19.69 9.74 -14.07
N LEU A 100 19.21 8.73 -13.34
CA LEU A 100 19.23 7.31 -13.78
C LEU A 100 17.97 6.90 -14.54
N LEU A 101 16.96 7.76 -14.61
CA LEU A 101 15.75 7.53 -15.42
C LEU A 101 15.59 8.67 -16.42
N ARG A 102 15.66 8.34 -17.71
CA ARG A 102 15.45 9.33 -18.81
C ARG A 102 13.95 9.61 -19.01
N PHE A 103 13.10 8.59 -19.00
CA PHE A 103 11.65 8.75 -19.25
C PHE A 103 10.84 7.60 -18.64
N LEU A 104 9.59 7.90 -18.34
CA LEU A 104 8.63 7.04 -17.63
C LEU A 104 7.36 6.97 -18.47
N VAL A 105 7.11 5.79 -19.05
CA VAL A 105 5.88 5.50 -19.83
C VAL A 105 4.96 4.61 -18.98
N SER A 106 3.75 5.09 -18.73
CA SER A 106 2.75 4.40 -17.88
C SER A 106 1.42 4.24 -18.61
N GLN A 107 0.85 3.04 -18.47
CA GLN A 107 -0.51 2.72 -18.93
C GLN A 107 -1.51 3.02 -17.82
N ASN A 108 -1.05 3.43 -16.62
CA ASN A 108 -1.90 3.56 -15.42
C ASN A 108 -2.67 4.88 -15.49
N VAL A 109 -3.96 4.82 -15.19
CA VAL A 109 -4.87 6.00 -15.02
C VAL A 109 -5.03 6.33 -13.54
N ASP A 110 -4.40 5.57 -12.65
CA ASP A 110 -4.58 5.78 -11.17
C ASP A 110 -4.01 7.13 -10.68
N GLY A 111 -3.33 7.95 -11.50
CA GLY A 111 -2.80 9.27 -11.09
C GLY A 111 -1.65 9.23 -10.08
N LEU A 112 -1.10 8.07 -9.75
CA LEU A 112 -0.10 7.99 -8.63
C LEU A 112 1.26 8.53 -9.07
N HIS A 113 1.65 8.37 -10.33
CA HIS A 113 2.95 8.92 -10.81
C HIS A 113 2.93 10.44 -10.56
N VAL A 114 1.88 11.14 -11.00
CA VAL A 114 1.76 12.64 -10.93
C VAL A 114 1.77 13.04 -9.44
N ARG A 115 1.01 12.32 -8.62
CA ARG A 115 0.80 12.65 -7.18
C ARG A 115 2.03 12.32 -6.34
N SER A 116 2.86 11.36 -6.78
CA SER A 116 4.17 11.01 -6.18
C SER A 116 5.18 12.17 -6.33
N GLY A 117 4.93 13.13 -7.23
CA GLY A 117 5.81 14.30 -7.45
C GLY A 117 6.71 14.05 -8.65
N PHE A 118 6.37 13.08 -9.49
CA PHE A 118 7.18 12.72 -10.67
C PHE A 118 6.98 13.80 -11.73
N PRO A 119 8.05 14.32 -12.37
CA PRO A 119 7.89 15.45 -13.29
C PRO A 119 7.16 15.03 -14.57
N ARG A 120 6.06 15.75 -14.83
CA ARG A 120 5.10 15.46 -15.93
C ARG A 120 5.81 15.52 -17.29
N ASP A 121 6.85 16.37 -17.46
CA ASP A 121 7.59 16.48 -18.75
C ASP A 121 8.52 15.27 -18.97
N LYS A 122 8.60 14.31 -18.02
CA LYS A 122 9.31 13.02 -18.23
C LYS A 122 8.34 11.83 -18.10
N LEU A 123 7.04 12.10 -18.14
CA LEU A 123 5.99 11.05 -17.99
C LEU A 123 5.06 11.04 -19.20
N ALA A 124 4.78 9.85 -19.75
CA ALA A 124 3.72 9.64 -20.76
C ALA A 124 2.59 8.81 -20.13
N GLU A 125 1.42 9.41 -19.98
CA GLU A 125 0.20 8.78 -19.41
C GLU A 125 -0.63 8.31 -20.59
N LEU A 126 -0.25 7.14 -21.13
CA LEU A 126 -0.72 6.69 -22.47
C LEU A 126 -2.23 6.48 -22.47
N HIS A 127 -2.81 6.16 -21.30
CA HIS A 127 -4.23 5.77 -21.16
C HIS A 127 -5.03 6.87 -20.44
N GLY A 128 -4.36 7.98 -20.06
CA GLY A 128 -4.95 9.10 -19.32
C GLY A 128 -4.71 9.00 -17.81
N ASN A 129 -5.41 9.84 -17.08
CA ASN A 129 -5.21 10.09 -15.63
C ASN A 129 -6.56 10.45 -15.04
N MET A 130 -7.05 9.67 -14.07
CA MET A 130 -8.36 9.83 -13.39
C MET A 130 -8.51 11.26 -12.85
N PHE A 131 -7.41 11.92 -12.46
CA PHE A 131 -7.38 13.24 -11.78
C PHE A 131 -7.26 14.38 -12.79
N VAL A 132 -7.07 14.07 -14.07
CA VAL A 132 -6.76 15.12 -15.08
C VAL A 132 -7.98 15.34 -15.97
N GLU A 133 -8.40 16.60 -16.11
CA GLU A 133 -9.34 17.02 -17.17
C GLU A 133 -8.64 18.05 -18.06
N GLU A 134 -9.06 18.08 -19.32
CA GLU A 134 -8.42 18.85 -20.42
C GLU A 134 -9.50 19.68 -21.12
N CYS A 135 -9.20 20.95 -21.38
CA CYS A 135 -10.08 21.86 -22.16
C CYS A 135 -10.07 21.41 -23.62
N ALA A 136 -11.23 21.17 -24.21
CA ALA A 136 -11.34 20.82 -25.64
C ALA A 136 -10.79 21.95 -26.52
N LYS A 137 -11.04 23.21 -26.14
CA LYS A 137 -10.65 24.37 -26.99
C LYS A 137 -9.15 24.61 -26.92
N CYS A 138 -8.59 24.84 -25.73
CA CYS A 138 -7.18 25.32 -25.62
C CYS A 138 -6.24 24.20 -25.13
N LYS A 139 -6.75 23.01 -24.83
CA LYS A 139 -5.95 21.82 -24.46
C LYS A 139 -5.34 22.00 -23.05
N THR A 140 -5.55 23.14 -22.39
CA THR A 140 -5.00 23.35 -21.04
C THR A 140 -5.48 22.20 -20.16
N GLN A 141 -4.55 21.51 -19.50
CA GLN A 141 -4.87 20.39 -18.58
C GLN A 141 -4.93 20.92 -17.14
N TYR A 142 -5.77 20.28 -16.33
CA TYR A 142 -5.93 20.62 -14.90
C TYR A 142 -5.77 19.33 -14.10
N VAL A 143 -4.84 19.34 -13.15
CA VAL A 143 -4.60 18.18 -12.25
C VAL A 143 -5.37 18.45 -10.97
N ARG A 144 -6.44 17.69 -10.75
CA ARG A 144 -7.40 17.92 -9.65
C ARG A 144 -6.97 17.05 -8.46
N ASP A 145 -7.48 17.37 -7.28
CA ASP A 145 -7.23 16.65 -6.01
C ASP A 145 -8.25 15.53 -5.81
N THR A 146 -9.23 15.40 -6.70
CA THR A 146 -10.23 14.29 -6.66
C THR A 146 -10.37 13.77 -8.08
N VAL A 147 -10.85 12.54 -8.23
CA VAL A 147 -11.04 11.94 -9.57
C VAL A 147 -12.08 12.80 -10.31
N VAL A 148 -11.78 13.08 -11.56
CA VAL A 148 -12.70 13.71 -12.55
C VAL A 148 -13.81 12.67 -12.81
N GLY A 149 -15.06 13.01 -12.52
CA GLY A 149 -16.14 12.04 -12.25
C GLY A 149 -16.61 11.25 -13.46
N THR A 150 -16.00 11.41 -14.64
CA THR A 150 -16.41 10.73 -15.88
C THR A 150 -15.23 9.95 -16.47
N MET A 151 -15.51 9.10 -17.46
CA MET A 151 -14.50 8.32 -18.22
C MET A 151 -14.99 8.27 -19.67
N GLY A 152 -14.06 8.13 -20.62
CA GLY A 152 -14.36 8.01 -22.06
C GLY A 152 -14.28 9.32 -22.80
N LEU A 153 -13.65 10.34 -22.19
CA LEU A 153 -13.37 11.69 -22.79
C LEU A 153 -14.66 12.51 -22.89
N LYS A 154 -15.55 12.42 -21.89
CA LYS A 154 -16.83 13.18 -21.82
C LYS A 154 -16.63 14.50 -21.07
N ALA A 155 -17.60 15.41 -21.22
CA ALA A 155 -17.71 16.68 -20.48
C ALA A 155 -17.83 16.34 -18.98
N THR A 156 -17.03 16.99 -18.14
CA THR A 156 -17.02 16.76 -16.67
C THR A 156 -18.11 17.60 -16.01
N GLY A 157 -18.53 18.70 -16.66
CA GLY A 157 -19.44 19.72 -16.09
C GLY A 157 -18.73 21.02 -15.76
N ARG A 158 -17.39 21.01 -15.63
CA ARG A 158 -16.61 22.23 -15.31
C ARG A 158 -16.17 22.90 -16.61
N LEU A 159 -15.78 24.17 -16.54
CA LEU A 159 -15.36 25.01 -17.70
C LEU A 159 -13.95 25.53 -17.50
N CYS A 160 -13.23 25.76 -18.60
CA CYS A 160 -11.84 26.26 -18.60
C CYS A 160 -11.79 27.66 -17.96
N THR A 161 -10.75 27.92 -17.16
CA THR A 161 -10.58 29.15 -16.35
C THR A 161 -9.38 29.97 -16.85
N VAL A 162 -8.83 29.64 -18.02
CA VAL A 162 -7.66 30.36 -18.61
C VAL A 162 -8.14 31.75 -19.05
N ALA A 163 -7.41 32.80 -18.65
CA ALA A 163 -7.73 34.23 -18.81
C ALA A 163 -7.90 34.58 -20.30
N CYS A 171 -11.62 31.65 -21.74
CA CYS A 171 -11.80 30.49 -22.66
C CYS A 171 -13.16 29.86 -22.41
N ARG A 172 -13.42 29.47 -21.16
CA ARG A 172 -14.69 28.84 -20.71
C ARG A 172 -15.00 27.61 -21.58
N GLY A 173 -13.97 26.97 -22.14
CA GLY A 173 -14.11 25.75 -22.94
C GLY A 173 -14.61 24.58 -22.10
N GLU A 174 -15.21 23.58 -22.74
CA GLU A 174 -15.74 22.36 -22.09
C GLU A 174 -14.55 21.51 -21.61
N LEU A 175 -14.45 21.27 -20.29
CA LEU A 175 -13.41 20.38 -19.69
C LEU A 175 -13.87 18.92 -19.80
N ARG A 176 -12.98 18.06 -20.29
CA ARG A 176 -13.25 16.61 -20.52
C ARG A 176 -12.23 15.78 -19.75
N ASP A 177 -12.65 14.62 -19.24
CA ASP A 177 -11.73 13.62 -18.65
C ASP A 177 -10.74 13.16 -19.73
N THR A 178 -9.62 12.53 -19.31
CA THR A 178 -8.53 12.04 -20.21
C THR A 178 -8.58 10.52 -20.29
N ILE A 179 -9.63 9.86 -19.79
CA ILE A 179 -9.69 8.36 -19.73
C ILE A 179 -10.18 7.80 -21.06
N LEU A 180 -9.25 7.32 -21.88
CA LEU A 180 -9.46 6.60 -23.16
C LEU A 180 -10.48 5.48 -22.96
N ASP A 181 -11.52 5.43 -23.80
CA ASP A 181 -12.35 4.20 -24.00
C ASP A 181 -11.63 3.28 -25.00
N TRP A 182 -12.15 2.06 -25.18
CA TRP A 182 -11.54 0.99 -26.04
C TRP A 182 -11.25 1.54 -27.45
N GLU A 183 -12.13 2.37 -28.01
CA GLU A 183 -12.08 2.81 -29.42
C GLU A 183 -11.12 4.00 -29.60
N ASP A 184 -10.69 4.62 -28.50
CA ASP A 184 -9.96 5.92 -28.53
C ASP A 184 -8.50 5.70 -28.90
N SER A 185 -8.00 6.49 -29.86
CA SER A 185 -6.55 6.70 -30.14
C SER A 185 -5.86 7.19 -28.88
N LEU A 186 -4.61 6.75 -28.65
CA LEU A 186 -3.72 7.28 -27.59
C LEU A 186 -3.44 8.76 -27.86
N PRO A 187 -3.23 9.59 -26.81
CA PRO A 187 -2.84 10.98 -27.00
C PRO A 187 -1.54 11.07 -27.83
N ASP A 188 -1.56 11.85 -28.92
CA ASP A 188 -0.46 11.93 -29.92
C ASP A 188 0.83 12.41 -29.25
N ARG A 189 0.73 13.40 -28.37
CA ARG A 189 1.89 14.03 -27.67
C ARG A 189 2.59 12.99 -26.81
N ASP A 190 1.84 12.28 -25.96
CA ASP A 190 2.40 11.28 -25.00
C ASP A 190 3.02 10.10 -25.76
N LEU A 191 2.35 9.62 -26.81
CA LEU A 191 2.78 8.43 -27.57
C LEU A 191 4.07 8.73 -28.36
N ALA A 192 4.13 9.91 -28.99
CA ALA A 192 5.30 10.37 -29.75
C ALA A 192 6.51 10.44 -28.81
N LEU A 193 6.34 11.06 -27.64
CA LEU A 193 7.45 11.22 -26.64
C LEU A 193 7.83 9.84 -26.07
N ALA A 194 6.86 8.98 -25.76
CA ALA A 194 7.10 7.60 -25.29
C ALA A 194 7.88 6.80 -26.35
N ASP A 195 7.53 6.97 -27.64
CA ASP A 195 8.10 6.17 -28.75
C ASP A 195 9.55 6.61 -28.95
N GLU A 196 9.78 7.92 -28.96
CA GLU A 196 11.11 8.55 -29.11
C GLU A 196 12.01 8.09 -27.95
N ALA A 197 11.50 8.14 -26.73
CA ALA A 197 12.23 7.73 -25.50
C ALA A 197 12.62 6.24 -25.60
N SER A 198 11.70 5.40 -26.06
CA SER A 198 11.87 3.92 -26.12
C SER A 198 12.88 3.60 -27.23
N ARG A 199 12.75 4.26 -28.38
CA ARG A 199 13.66 4.09 -29.55
C ARG A 199 15.10 4.42 -29.12
N ASN A 200 15.28 5.56 -28.45
CA ASN A 200 16.59 6.16 -28.05
C ASN A 200 17.19 5.43 -26.84
N ALA A 201 16.36 4.79 -26.01
CA ALA A 201 16.78 4.03 -24.81
C ALA A 201 17.84 2.98 -25.17
N ASP A 202 18.78 2.72 -24.26
CA ASP A 202 19.68 1.55 -24.33
C ASP A 202 19.26 0.51 -23.28
N LEU A 203 18.35 0.91 -22.39
CA LEU A 203 17.68 -0.02 -21.44
C LEU A 203 16.22 0.40 -21.23
N SER A 204 15.29 -0.52 -21.47
CA SER A 204 13.86 -0.42 -21.12
C SER A 204 13.58 -1.46 -20.03
N ILE A 205 13.08 -0.99 -18.90
CA ILE A 205 12.65 -1.86 -17.74
C ILE A 205 11.13 -1.74 -17.68
N THR A 206 10.43 -2.88 -17.76
CA THR A 206 8.97 -2.96 -17.62
C THR A 206 8.69 -3.40 -16.17
N LEU A 207 7.76 -2.75 -15.51
CA LEU A 207 7.38 -3.04 -14.09
C LEU A 207 5.87 -3.27 -14.05
N GLY A 208 5.44 -4.46 -13.62
CA GLY A 208 4.02 -4.78 -13.37
C GLY A 208 3.10 -4.45 -14.53
N THR A 209 3.51 -4.76 -15.78
CA THR A 209 2.67 -4.73 -17.00
C THR A 209 2.81 -6.07 -17.76
N SER A 210 1.70 -6.64 -18.26
CA SER A 210 1.72 -7.91 -19.02
C SER A 210 1.97 -7.64 -20.52
N LEU A 211 2.00 -6.37 -20.94
CA LEU A 211 2.48 -5.91 -22.29
C LEU A 211 1.53 -6.37 -23.41
N GLN A 212 0.24 -6.55 -23.10
CA GLN A 212 -0.76 -7.17 -24.01
C GLN A 212 -1.49 -6.10 -24.83
N ILE A 213 -1.35 -4.82 -24.50
CA ILE A 213 -2.07 -3.72 -25.20
C ILE A 213 -1.11 -3.02 -26.16
N ARG A 214 -1.54 -2.90 -27.41
CA ARG A 214 -0.88 -2.16 -28.51
C ARG A 214 -1.40 -0.73 -28.51
N PRO A 215 -0.53 0.29 -28.72
CA PRO A 215 0.91 0.08 -28.91
C PRO A 215 1.75 0.08 -27.62
N SER A 216 1.11 0.34 -26.49
CA SER A 216 1.77 0.57 -25.17
C SER A 216 2.79 -0.56 -24.88
N GLY A 217 2.32 -1.81 -24.92
CA GLY A 217 3.10 -3.04 -24.64
C GLY A 217 4.22 -3.28 -25.62
N ASN A 218 4.18 -2.67 -26.80
CA ASN A 218 5.19 -2.86 -27.86
C ASN A 218 6.38 -1.88 -27.69
N LEU A 219 6.17 -0.73 -27.05
CA LEU A 219 7.18 0.35 -26.92
C LEU A 219 8.49 -0.19 -26.36
N PRO A 220 8.49 -0.99 -25.27
CA PRO A 220 9.73 -1.56 -24.77
C PRO A 220 10.52 -2.36 -25.83
N LEU A 221 9.85 -3.00 -26.80
CA LEU A 221 10.54 -3.73 -27.91
C LEU A 221 11.35 -2.75 -28.76
N ALA A 222 10.85 -1.53 -28.94
CA ALA A 222 11.52 -0.48 -29.75
C ALA A 222 12.97 -0.31 -29.26
N THR A 223 13.20 -0.44 -27.95
CA THR A 223 14.54 -0.36 -27.31
C THR A 223 15.47 -1.43 -27.91
N LYS A 224 14.95 -2.62 -28.21
CA LYS A 224 15.72 -3.77 -28.76
C LYS A 224 16.38 -3.41 -30.10
N ARG A 225 15.69 -2.65 -30.96
CA ARG A 225 16.28 -2.13 -32.22
C ARG A 225 17.49 -1.27 -31.85
N ARG A 226 18.66 -1.55 -32.46
CA ARG A 226 19.96 -0.84 -32.31
C ARG A 226 20.64 -1.28 -31.00
N GLY A 227 20.31 -2.49 -30.53
CA GLY A 227 21.11 -3.26 -29.58
C GLY A 227 20.76 -2.95 -28.13
N GLY A 228 19.65 -2.25 -27.89
CA GLY A 228 19.21 -1.90 -26.52
C GLY A 228 18.80 -3.14 -25.76
N ARG A 229 18.84 -3.07 -24.42
CA ARG A 229 18.47 -4.20 -23.52
C ARG A 229 17.05 -4.00 -22.99
N LEU A 230 16.36 -5.10 -22.75
CA LEU A 230 14.98 -5.14 -22.21
C LEU A 230 14.98 -6.02 -20.97
N VAL A 231 14.49 -5.44 -19.87
CA VAL A 231 14.24 -6.13 -18.58
C VAL A 231 12.73 -6.05 -18.33
N ILE A 232 12.15 -7.20 -18.04
CA ILE A 232 10.71 -7.35 -17.71
C ILE A 232 10.64 -7.77 -16.24
N VAL A 233 10.01 -6.96 -15.40
CA VAL A 233 9.71 -7.36 -13.99
C VAL A 233 8.19 -7.60 -13.88
N ASN A 234 7.79 -8.82 -13.51
CA ASN A 234 6.35 -9.19 -13.50
C ASN A 234 6.13 -10.55 -12.84
N LEU A 235 5.05 -10.67 -12.08
CA LEU A 235 4.68 -11.93 -11.41
C LEU A 235 4.21 -12.97 -12.43
N GLN A 236 3.49 -12.54 -13.48
CA GLN A 236 2.91 -13.39 -14.55
C GLN A 236 3.79 -13.29 -15.79
N PRO A 237 3.66 -14.26 -16.71
CA PRO A 237 4.19 -14.12 -18.07
C PRO A 237 3.69 -12.82 -18.70
N THR A 238 4.39 -12.33 -19.72
CA THR A 238 4.00 -11.13 -20.49
C THR A 238 4.14 -11.45 -21.97
N LYS A 239 3.46 -10.68 -22.81
CA LYS A 239 3.38 -10.98 -24.25
C LYS A 239 4.80 -11.11 -24.81
N HIS A 240 5.78 -10.37 -24.27
CA HIS A 240 7.12 -10.21 -24.90
C HIS A 240 8.26 -10.87 -24.11
N ASP A 241 7.97 -11.80 -23.20
CA ASP A 241 8.97 -12.49 -22.34
C ASP A 241 10.15 -13.00 -23.20
N ARG A 242 9.86 -13.50 -24.40
CA ARG A 242 10.82 -14.03 -25.40
C ARG A 242 11.94 -13.02 -25.65
N HIS A 243 11.58 -11.76 -25.86
CA HIS A 243 12.48 -10.66 -26.30
C HIS A 243 13.24 -10.03 -25.13
N ALA A 244 12.99 -10.46 -23.89
CA ALA A 244 13.65 -9.90 -22.68
C ALA A 244 15.09 -10.43 -22.58
N ASP A 245 16.05 -9.57 -22.25
CA ASP A 245 17.41 -10.02 -21.84
C ASP A 245 17.35 -10.52 -20.40
N LEU A 246 16.38 -10.06 -19.63
CA LEU A 246 16.27 -10.38 -18.18
C LEU A 246 14.80 -10.32 -17.78
N ARG A 247 14.33 -11.38 -17.11
CA ARG A 247 12.97 -11.55 -16.61
C ARG A 247 13.11 -11.74 -15.11
N ILE A 248 12.45 -10.91 -14.33
CA ILE A 248 12.48 -11.01 -12.84
C ILE A 248 11.04 -11.24 -12.37
N HIS A 249 10.80 -12.40 -11.76
CA HIS A 249 9.47 -12.84 -11.30
C HIS A 249 9.46 -12.63 -9.78
N GLY A 250 9.02 -11.46 -9.35
CA GLY A 250 8.89 -11.09 -7.93
C GLY A 250 8.04 -9.83 -7.78
N TYR A 251 7.66 -9.52 -6.56
CA TYR A 251 6.94 -8.27 -6.20
C TYR A 251 7.82 -7.09 -6.59
N VAL A 252 7.27 -6.18 -7.39
CA VAL A 252 8.04 -5.05 -7.94
C VAL A 252 8.60 -4.22 -6.77
N ASP A 253 7.92 -4.15 -5.63
CA ASP A 253 8.46 -3.37 -4.47
C ASP A 253 9.72 -4.04 -3.93
N GLU A 254 9.75 -5.38 -3.81
CA GLU A 254 10.95 -6.11 -3.33
C GLU A 254 12.10 -5.86 -4.31
N VAL A 255 11.82 -5.95 -5.60
CA VAL A 255 12.84 -5.76 -6.67
C VAL A 255 13.40 -4.34 -6.57
N MET A 256 12.54 -3.33 -6.51
CA MET A 256 12.98 -1.91 -6.58
C MET A 256 13.71 -1.54 -5.30
N THR A 257 13.30 -2.06 -4.13
CA THR A 257 13.96 -1.72 -2.85
C THR A 257 15.38 -2.32 -2.86
N ARG A 258 15.53 -3.56 -3.33
CA ARG A 258 16.85 -4.23 -3.46
C ARG A 258 17.66 -3.47 -4.51
N LEU A 259 17.05 -3.10 -5.64
CA LEU A 259 17.80 -2.36 -6.69
C LEU A 259 18.35 -1.04 -6.11
N MET A 260 17.50 -0.24 -5.49
CA MET A 260 17.89 1.07 -4.92
C MET A 260 19.05 0.87 -3.93
N LYS A 261 18.96 -0.16 -3.11
CA LYS A 261 20.01 -0.53 -2.13
C LYS A 261 21.33 -0.76 -2.87
N HIS A 262 21.32 -1.57 -3.93
CA HIS A 262 22.53 -1.85 -4.78
C HIS A 262 23.05 -0.52 -5.37
N LEU A 263 22.18 0.44 -5.69
CA LEU A 263 22.58 1.70 -6.36
C LEU A 263 23.01 2.73 -5.32
N GLY A 264 22.86 2.42 -4.03
CA GLY A 264 23.22 3.31 -2.91
C GLY A 264 22.26 4.48 -2.77
N LEU A 265 21.00 4.29 -3.19
CA LEU A 265 19.97 5.35 -3.20
C LEU A 265 18.93 5.05 -2.12
N GLU A 266 18.46 6.10 -1.47
CA GLU A 266 17.33 6.03 -0.53
C GLU A 266 16.06 6.19 -1.36
N ILE A 267 14.97 5.61 -0.90
CA ILE A 267 13.61 5.88 -1.45
C ILE A 267 13.03 7.05 -0.64
N PRO A 268 12.79 8.20 -1.28
CA PRO A 268 12.27 9.38 -0.58
C PRO A 268 10.86 9.24 0.00
N ALA A 269 10.65 9.95 1.11
CA ALA A 269 9.35 10.17 1.78
C ALA A 269 8.37 10.82 0.79
N TRP A 270 7.11 10.41 0.89
CA TRP A 270 5.96 11.05 0.18
C TRP A 270 5.25 12.00 1.14
N ASP A 271 5.16 13.28 0.76
CA ASP A 271 4.64 14.39 1.59
C ASP A 271 3.13 14.52 1.39
N GLY A 272 2.51 13.63 0.61
CA GLY A 272 1.13 13.82 0.15
C GLY A 272 1.12 14.31 -1.29
N PRO A 273 -0.08 14.46 -1.90
CA PRO A 273 -0.18 14.71 -3.33
C PRO A 273 0.48 16.04 -3.72
N ARG A 274 1.44 15.98 -4.64
CA ARG A 274 2.16 17.18 -5.14
C ARG A 274 2.33 17.02 -6.64
N VAL A 275 2.18 18.10 -7.39
CA VAL A 275 2.28 18.07 -8.88
C VAL A 275 3.54 18.84 -9.22
N LEU A 276 4.47 18.22 -9.94
CA LEU A 276 5.70 18.83 -10.49
C LEU A 276 5.57 18.80 -12.02
N GLU A 277 5.58 19.97 -12.65
CA GLU A 277 5.43 20.05 -14.14
C GLU A 277 6.74 19.65 -14.82
N ARG A 278 7.88 20.14 -14.34
CA ARG A 278 9.16 20.07 -15.09
C ARG A 278 10.26 19.43 -14.22
N ALA A 279 11.06 18.56 -14.85
CA ALA A 279 12.23 17.88 -14.29
C ALA A 279 13.30 18.95 -14.00
N LEU A 280 14.04 18.78 -12.89
CA LEU A 280 15.27 19.55 -12.56
C LEU A 280 16.50 18.86 -13.13
N PRO A 281 17.65 19.58 -13.22
CA PRO A 281 18.95 18.94 -13.41
C PRO A 281 19.15 17.84 -12.39
N PRO A 282 19.89 16.74 -12.72
CA PRO A 282 20.05 15.64 -11.78
C PRO A 282 20.72 16.06 -10.46
N LEU A 283 20.26 15.48 -9.35
CA LEU A 283 20.91 15.58 -8.04
C LEU A 283 22.19 14.74 -8.05
N PRO A 284 23.11 14.98 -7.09
CA PRO A 284 24.32 14.16 -6.95
C PRO A 284 23.91 12.69 -6.85
N ARG A 285 24.71 11.77 -7.41
CA ARG A 285 24.48 10.30 -7.20
C ARG A 285 25.79 9.59 -6.91
N PRO A 286 25.74 8.39 -6.30
CA PRO A 286 26.97 7.72 -5.89
C PRO A 286 27.82 7.49 -7.14
N PRO A 287 29.16 7.39 -6.99
CA PRO A 287 30.00 6.98 -8.10
C PRO A 287 29.68 5.51 -8.45
N THR A 288 29.95 5.15 -9.71
CA THR A 288 29.65 3.82 -10.30
C THR A 288 30.70 2.77 -9.92
N PRO A 289 30.28 1.50 -9.66
CA PRO A 289 31.22 0.40 -9.49
C PRO A 289 32.03 0.13 -10.77
N LYS A 290 33.23 -0.42 -10.60
CA LYS A 290 34.00 -1.10 -11.68
C LYS A 290 33.23 -2.39 -12.01
N LEU A 291 32.80 -2.54 -13.26
CA LEU A 291 31.91 -3.67 -13.65
C LEU A 291 32.76 -4.80 -14.23
N GLU A 292 33.45 -4.52 -15.35
CA GLU A 292 34.20 -5.52 -16.16
C GLU A 292 35.62 -5.68 -15.59
N LYS B 9 -14.83 -20.23 11.71
CA LYS B 9 -14.15 -19.08 11.03
C LYS B 9 -15.10 -17.87 10.92
N GLY B 10 -16.28 -17.94 11.55
CA GLY B 10 -17.21 -16.80 11.75
C GLY B 10 -18.02 -16.48 10.52
N LYS B 11 -18.65 -15.29 10.51
CA LYS B 11 -19.41 -14.74 9.34
C LYS B 11 -18.41 -14.13 8.35
N CYS B 12 -18.34 -14.66 7.14
CA CYS B 12 -17.35 -14.30 6.08
C CYS B 12 -18.06 -13.70 4.88
N GLY B 13 -17.51 -12.62 4.33
CA GLY B 13 -17.92 -12.07 3.02
C GLY B 13 -19.19 -11.24 3.11
N LEU B 14 -19.55 -10.73 4.30
CA LEU B 14 -20.70 -9.80 4.48
C LEU B 14 -20.50 -8.59 3.58
N PRO B 15 -21.59 -7.93 3.14
CA PRO B 15 -21.49 -6.80 2.23
C PRO B 15 -20.79 -5.60 2.88
N GLU B 16 -20.02 -4.86 2.09
CA GLU B 16 -19.35 -3.61 2.56
C GLU B 16 -20.39 -2.49 2.64
N ILE B 17 -20.24 -1.60 3.62
CA ILE B 17 -21.07 -0.37 3.78
C ILE B 17 -20.14 0.82 3.56
N PHE B 18 -20.58 1.79 2.78
CA PHE B 18 -19.85 3.06 2.50
C PHE B 18 -20.73 4.23 2.94
N ASP B 19 -20.35 4.89 4.04
CA ASP B 19 -20.98 6.17 4.47
C ASP B 19 -20.78 7.16 3.33
N PRO B 20 -21.84 7.86 2.86
CA PRO B 20 -21.68 8.92 1.86
C PRO B 20 -20.82 10.07 2.38
N PRO B 21 -20.14 10.82 1.49
CA PRO B 21 -19.07 11.75 1.88
C PRO B 21 -19.45 12.71 3.01
N GLU B 22 -20.65 13.30 2.93
CA GLU B 22 -21.18 14.28 3.91
C GLU B 22 -21.27 13.60 5.28
N GLU B 23 -21.85 12.39 5.34
CA GLU B 23 -22.03 11.62 6.60
C GLU B 23 -20.63 11.23 7.13
N LEU B 24 -19.74 10.82 6.22
CA LEU B 24 -18.37 10.37 6.56
C LEU B 24 -17.61 11.54 7.17
N GLU B 25 -17.67 12.71 6.53
CA GLU B 25 -16.99 13.96 7.00
C GLU B 25 -17.47 14.32 8.42
N ARG B 26 -18.78 14.25 8.66
CA ARG B 26 -19.38 14.61 9.97
C ARG B 26 -18.89 13.62 11.04
N LYS B 27 -18.89 12.33 10.76
CA LYS B 27 -18.52 11.29 11.75
C LYS B 27 -17.03 11.39 12.12
N VAL B 28 -16.17 11.81 11.20
CA VAL B 28 -14.70 11.91 11.48
C VAL B 28 -14.48 13.15 12.34
N TRP B 29 -15.32 14.17 12.18
CA TRP B 29 -15.30 15.36 13.06
C TRP B 29 -15.76 14.96 14.47
N GLU B 30 -16.76 14.10 14.58
CA GLU B 30 -17.26 13.59 15.87
C GLU B 30 -16.19 12.70 16.54
N LEU B 31 -15.44 11.92 15.76
CA LEU B 31 -14.32 11.08 16.27
C LEU B 31 -13.23 12.00 16.86
N ALA B 32 -12.83 13.03 16.11
CA ALA B 32 -11.88 14.07 16.56
C ALA B 32 -12.35 14.64 17.91
N ARG B 33 -13.61 15.07 17.98
CA ARG B 33 -14.23 15.60 19.23
C ARG B 33 -14.04 14.57 20.35
N LEU B 34 -14.29 13.29 20.09
CA LEU B 34 -14.18 12.22 21.11
C LEU B 34 -12.72 12.03 21.54
N VAL B 35 -11.77 12.10 20.60
CA VAL B 35 -10.31 11.99 20.94
C VAL B 35 -9.95 13.17 21.85
N TRP B 36 -10.34 14.39 21.48
CA TRP B 36 -10.07 15.63 22.26
C TRP B 36 -10.62 15.52 23.69
N GLN B 37 -11.83 14.99 23.87
CA GLN B 37 -12.51 14.91 25.19
C GLN B 37 -11.97 13.77 26.05
N SER B 38 -11.24 12.81 25.47
CA SER B 38 -10.86 11.54 26.12
C SER B 38 -9.49 11.65 26.78
N SER B 39 -9.39 11.21 28.04
CA SER B 39 -8.13 11.16 28.84
C SER B 39 -7.30 9.94 28.43
N SER B 40 -7.96 8.84 28.03
CA SER B 40 -7.30 7.51 27.85
C SER B 40 -7.90 6.81 26.63
N VAL B 41 -7.21 6.93 25.48
CA VAL B 41 -7.68 6.34 24.20
C VAL B 41 -6.89 5.04 23.93
N VAL B 42 -7.63 3.96 23.72
CA VAL B 42 -7.08 2.64 23.32
C VAL B 42 -7.58 2.33 21.90
N PHE B 43 -6.65 1.94 21.04
CA PHE B 43 -6.95 1.55 19.64
C PHE B 43 -6.87 0.02 19.58
N HIS B 44 -7.84 -0.59 18.90
CA HIS B 44 -7.92 -2.04 18.63
C HIS B 44 -7.79 -2.23 17.12
N THR B 45 -6.77 -2.94 16.65
CA THR B 45 -6.51 -3.12 15.20
C THR B 45 -6.58 -4.59 14.82
N GLY B 46 -7.14 -4.83 13.64
CA GLY B 46 -7.22 -6.14 12.96
C GLY B 46 -6.82 -5.96 11.52
N ALA B 47 -7.07 -6.99 10.72
CA ALA B 47 -6.43 -7.23 9.41
C ALA B 47 -6.80 -6.15 8.39
N GLY B 48 -7.92 -5.47 8.61
CA GLY B 48 -8.43 -4.35 7.78
C GLY B 48 -7.43 -3.21 7.66
N ILE B 49 -6.60 -2.97 8.68
CA ILE B 49 -5.59 -1.86 8.62
C ILE B 49 -4.36 -2.23 7.79
N SER B 50 -4.22 -3.44 7.24
CA SER B 50 -3.05 -3.83 6.42
C SER B 50 -3.43 -4.16 4.98
N THR B 51 -4.73 -4.09 4.64
CA THR B 51 -5.25 -4.44 3.30
C THR B 51 -4.68 -3.46 2.25
N ALA B 52 -4.54 -2.18 2.59
CA ALA B 52 -4.00 -1.14 1.67
C ALA B 52 -2.48 -1.27 1.48
N SER B 53 -1.83 -2.21 2.18
CA SER B 53 -0.40 -2.56 1.97
C SER B 53 -0.24 -3.90 1.25
N GLY B 54 -1.36 -4.50 0.78
CA GLY B 54 -1.36 -5.68 -0.10
C GLY B 54 -1.49 -6.98 0.69
N ILE B 55 -1.81 -6.89 1.98
CA ILE B 55 -2.02 -8.10 2.83
C ILE B 55 -3.53 -8.30 2.96
N PRO B 56 -4.08 -9.45 2.48
CA PRO B 56 -5.51 -9.65 2.50
C PRO B 56 -5.95 -9.82 3.96
N ASP B 57 -7.22 -9.49 4.24
CA ASP B 57 -7.84 -9.73 5.56
C ASP B 57 -8.41 -11.15 5.53
N PHE B 58 -9.20 -11.52 6.54
CA PHE B 58 -9.68 -12.92 6.77
C PHE B 58 -11.12 -13.06 6.24
N ARG B 59 -11.99 -12.10 6.54
CA ARG B 59 -13.47 -12.18 6.41
C ARG B 59 -13.99 -11.10 5.46
N GLY B 60 -13.11 -10.31 4.83
CA GLY B 60 -13.50 -9.31 3.82
C GLY B 60 -13.97 -9.97 2.52
N PRO B 61 -14.49 -9.20 1.53
CA PRO B 61 -14.97 -9.80 0.28
C PRO B 61 -13.98 -10.76 -0.38
N HIS B 62 -12.67 -10.44 -0.33
CA HIS B 62 -11.55 -11.29 -0.84
C HIS B 62 -10.67 -11.76 0.33
N GLY B 63 -11.23 -11.80 1.54
CA GLY B 63 -10.54 -12.32 2.74
C GLY B 63 -10.07 -13.76 2.59
N VAL B 64 -9.03 -14.12 3.35
CA VAL B 64 -8.43 -15.49 3.42
C VAL B 64 -9.56 -16.54 3.59
N TRP B 65 -10.38 -16.42 4.64
CA TRP B 65 -11.46 -17.41 4.94
C TRP B 65 -12.57 -17.30 3.88
N THR B 66 -13.01 -16.08 3.56
CA THR B 66 -14.02 -15.78 2.50
C THR B 66 -13.65 -16.47 1.18
N MET B 67 -12.40 -16.39 0.74
CA MET B 67 -11.96 -16.98 -0.55
C MET B 67 -11.91 -18.51 -0.43
N GLU B 68 -11.40 -19.04 0.68
CA GLU B 68 -11.41 -20.50 0.98
C GLU B 68 -12.83 -21.08 0.85
N GLU B 69 -13.82 -20.45 1.49
CA GLU B 69 -15.27 -20.83 1.45
C GLU B 69 -15.77 -20.96 0.02
N ARG B 70 -15.22 -20.18 -0.92
CA ARG B 70 -15.61 -20.17 -2.37
C ARG B 70 -14.53 -20.89 -3.19
N GLY B 71 -13.68 -21.69 -2.55
CA GLY B 71 -12.63 -22.48 -3.22
C GLY B 71 -11.64 -21.62 -4.01
N LEU B 72 -11.46 -20.36 -3.63
CA LEU B 72 -10.45 -19.44 -4.26
C LEU B 72 -9.31 -19.26 -3.26
N ALA B 73 -8.18 -18.69 -3.69
CA ALA B 73 -7.00 -18.41 -2.83
C ALA B 73 -7.01 -16.94 -2.42
N PRO B 74 -6.51 -16.60 -1.20
CA PRO B 74 -6.23 -15.20 -0.87
C PRO B 74 -5.08 -14.70 -1.74
N LYS B 75 -5.05 -13.41 -2.01
CA LYS B 75 -4.00 -12.82 -2.87
C LYS B 75 -3.19 -11.83 -2.01
N PHE B 76 -1.87 -11.98 -2.02
CA PHE B 76 -0.89 -11.01 -1.47
C PHE B 76 -0.29 -10.20 -2.62
N ASP B 77 -0.23 -8.86 -2.48
CA ASP B 77 0.42 -7.95 -3.45
C ASP B 77 1.78 -7.52 -2.89
N THR B 78 2.22 -8.17 -1.81
CA THR B 78 3.49 -7.92 -1.11
C THR B 78 3.92 -9.23 -0.43
N THR B 79 5.18 -9.32 -0.01
CA THR B 79 5.62 -10.32 1.01
C THR B 79 5.47 -9.65 2.37
N PHE B 80 5.54 -10.43 3.46
CA PHE B 80 5.49 -9.84 4.81
C PHE B 80 6.67 -8.88 4.98
N GLU B 81 7.82 -9.25 4.41
CA GLU B 81 9.11 -8.55 4.54
C GLU B 81 9.07 -7.23 3.75
N SER B 82 8.44 -7.20 2.58
CA SER B 82 8.38 -5.98 1.72
C SER B 82 7.13 -5.13 2.03
N ALA B 83 6.26 -5.56 2.94
CA ALA B 83 5.04 -4.80 3.28
C ALA B 83 5.48 -3.48 3.94
N ARG B 84 4.93 -2.36 3.48
CA ARG B 84 5.09 -1.05 4.17
C ARG B 84 3.92 -0.80 5.10
N PRO B 85 4.22 -0.30 6.31
CA PRO B 85 3.19 0.26 7.19
C PRO B 85 2.35 1.26 6.40
N THR B 86 1.03 1.22 6.63
CA THR B 86 0.01 2.05 5.95
C THR B 86 0.00 3.41 6.63
N GLN B 87 -0.64 4.36 5.98
CA GLN B 87 -1.00 5.69 6.54
C GLN B 87 -1.58 5.49 7.95
N THR B 88 -2.45 4.49 8.12
CA THR B 88 -3.12 4.18 9.40
C THR B 88 -2.08 3.75 10.43
N HIS B 89 -1.19 2.84 10.08
CA HIS B 89 -0.05 2.39 10.93
C HIS B 89 0.75 3.62 11.39
N MET B 90 1.12 4.49 10.46
CA MET B 90 1.99 5.65 10.76
C MET B 90 1.22 6.71 11.55
N ALA B 91 -0.10 6.84 11.35
CA ALA B 91 -0.93 7.77 12.16
C ALA B 91 -0.86 7.32 13.62
N LEU B 92 -0.87 6.00 13.85
CA LEU B 92 -0.98 5.40 15.22
C LEU B 92 0.33 5.64 15.94
N VAL B 93 1.46 5.58 15.21
CA VAL B 93 2.81 5.94 15.70
C VAL B 93 2.74 7.39 16.23
N GLN B 94 2.26 8.33 15.42
CA GLN B 94 2.22 9.77 15.78
C GLN B 94 1.27 10.04 16.94
N LEU B 95 0.13 9.35 17.01
CA LEU B 95 -0.90 9.58 18.07
C LEU B 95 -0.29 9.13 19.40
N GLU B 96 0.47 8.04 19.41
CA GLU B 96 1.17 7.57 20.64
C GLU B 96 2.26 8.60 20.99
N ARG B 97 2.98 9.12 19.99
CA ARG B 97 4.13 10.02 20.23
C ARG B 97 3.70 11.32 20.90
N VAL B 98 2.51 11.85 20.57
CA VAL B 98 2.00 13.15 21.09
C VAL B 98 1.08 12.93 22.30
N GLY B 99 0.92 11.70 22.79
CA GLY B 99 0.19 11.40 24.04
C GLY B 99 -1.31 11.15 23.85
N LEU B 100 -1.80 11.01 22.61
CA LEU B 100 -3.25 10.84 22.30
C LEU B 100 -3.64 9.37 22.18
N LEU B 101 -2.69 8.46 22.29
CA LEU B 101 -2.94 7.00 22.30
C LEU B 101 -2.28 6.42 23.56
N ARG B 102 -3.09 5.82 24.44
CA ARG B 102 -2.60 5.20 25.69
C ARG B 102 -2.08 3.78 25.41
N PHE B 103 -2.80 3.02 24.60
CA PHE B 103 -2.43 1.61 24.32
C PHE B 103 -3.00 1.15 22.97
N LEU B 104 -2.28 0.21 22.37
CA LEU B 104 -2.60 -0.35 21.04
C LEU B 104 -2.76 -1.85 21.20
N VAL B 105 -3.97 -2.35 20.95
CA VAL B 105 -4.28 -3.82 20.97
C VAL B 105 -4.48 -4.33 19.54
N SER B 106 -3.64 -5.25 19.09
CA SER B 106 -3.71 -5.77 17.71
C SER B 106 -3.86 -7.29 17.67
N GLN B 107 -4.71 -7.73 16.76
CA GLN B 107 -4.92 -9.16 16.42
C GLN B 107 -3.98 -9.54 15.27
N ASN B 108 -3.22 -8.58 14.73
CA ASN B 108 -2.42 -8.78 13.49
C ASN B 108 -1.08 -9.44 13.83
N VAL B 109 -0.71 -10.42 13.02
CA VAL B 109 0.58 -11.17 13.07
C VAL B 109 1.52 -10.64 11.99
N ASP B 110 1.06 -9.70 11.16
CA ASP B 110 1.84 -9.15 10.00
C ASP B 110 3.11 -8.40 10.46
N GLY B 111 3.29 -8.10 11.74
CA GLY B 111 4.51 -7.46 12.28
C GLY B 111 4.67 -5.97 11.96
N LEU B 112 3.68 -5.32 11.34
CA LEU B 112 3.81 -3.92 10.82
C LEU B 112 3.84 -2.89 11.96
N HIS B 113 3.07 -3.09 13.04
CA HIS B 113 3.06 -2.15 14.19
C HIS B 113 4.51 -2.02 14.69
N VAL B 114 5.16 -3.16 14.98
CA VAL B 114 6.55 -3.20 15.53
C VAL B 114 7.47 -2.54 14.51
N ARG B 115 7.34 -2.88 13.23
CA ARG B 115 8.25 -2.41 12.16
C ARG B 115 8.06 -0.92 11.85
N SER B 116 6.86 -0.38 12.06
CA SER B 116 6.48 1.05 11.96
C SER B 116 7.21 1.91 13.01
N GLY B 117 7.74 1.30 14.06
CA GLY B 117 8.50 1.99 15.13
C GLY B 117 7.60 2.29 16.31
N PHE B 118 6.46 1.61 16.38
CA PHE B 118 5.52 1.74 17.50
C PHE B 118 6.13 1.10 18.74
N PRO B 119 6.06 1.75 19.92
CA PRO B 119 6.72 1.23 21.11
C PRO B 119 6.04 -0.03 21.65
N ARG B 120 6.81 -1.10 21.82
CA ARG B 120 6.35 -2.47 22.14
C ARG B 120 5.66 -2.46 23.51
N ASP B 121 6.09 -1.60 24.43
CA ASP B 121 5.53 -1.55 25.80
C ASP B 121 4.15 -0.87 25.78
N LYS B 122 3.68 -0.38 24.63
CA LYS B 122 2.29 0.14 24.51
C LYS B 122 1.48 -0.69 23.52
N LEU B 123 2.00 -1.84 23.12
CA LEU B 123 1.40 -2.76 22.13
C LEU B 123 1.15 -4.14 22.75
N ALA B 124 -0.06 -4.67 22.60
CA ALA B 124 -0.38 -6.10 22.84
C ALA B 124 -0.60 -6.77 21.47
N GLU B 125 0.28 -7.70 21.10
CA GLU B 125 0.14 -8.54 19.89
C GLU B 125 -0.53 -9.87 20.28
N LEU B 126 -1.86 -9.85 20.33
CA LEU B 126 -2.69 -10.89 20.99
C LEU B 126 -2.53 -12.25 20.29
N HIS B 127 -2.28 -12.26 18.98
CA HIS B 127 -2.22 -13.49 18.15
C HIS B 127 -0.77 -13.79 17.75
N GLY B 128 0.19 -12.97 18.20
CA GLY B 128 1.62 -13.10 17.94
C GLY B 128 2.08 -12.22 16.77
N ASN B 129 3.29 -12.48 16.27
CA ASN B 129 4.04 -11.62 15.32
C ASN B 129 4.95 -12.53 14.48
N MET B 130 4.73 -12.57 13.17
CA MET B 130 5.45 -13.43 12.19
C MET B 130 6.98 -13.24 12.33
N PHE B 131 7.45 -12.07 12.78
CA PHE B 131 8.89 -11.72 12.83
C PHE B 131 9.48 -12.10 14.19
N VAL B 132 8.65 -12.52 15.14
CA VAL B 132 9.10 -12.65 16.57
C VAL B 132 9.23 -14.13 16.94
N GLU B 133 10.40 -14.50 17.44
CA GLU B 133 10.59 -15.83 18.07
C GLU B 133 11.01 -15.62 19.53
N GLU B 134 10.57 -16.54 20.37
CA GLU B 134 10.67 -16.46 21.85
C GLU B 134 11.38 -17.72 22.35
N CYS B 135 12.38 -17.55 23.20
CA CYS B 135 13.07 -18.66 23.90
C CYS B 135 12.08 -19.27 24.90
N ALA B 136 11.81 -20.56 24.78
CA ALA B 136 10.96 -21.28 25.75
C ALA B 136 11.58 -21.22 27.15
N LYS B 137 12.91 -21.28 27.24
CA LYS B 137 13.63 -21.31 28.54
C LYS B 137 13.51 -19.96 29.26
N CYS B 138 14.00 -18.87 28.66
CA CYS B 138 14.15 -17.59 29.40
C CYS B 138 13.12 -16.55 28.93
N LYS B 139 12.28 -16.90 27.96
CA LYS B 139 11.16 -16.04 27.46
C LYS B 139 11.71 -14.85 26.68
N THR B 140 13.03 -14.68 26.58
CA THR B 140 13.66 -13.59 25.79
C THR B 140 13.08 -13.64 24.37
N GLN B 141 12.54 -12.52 23.90
CA GLN B 141 11.96 -12.39 22.53
C GLN B 141 13.01 -11.79 21.60
N TYR B 142 12.97 -12.20 20.33
CA TYR B 142 13.87 -11.70 19.27
C TYR B 142 12.98 -11.18 18.14
N VAL B 143 13.15 -9.91 17.76
CA VAL B 143 12.45 -9.32 16.59
C VAL B 143 13.39 -9.46 15.40
N ARG B 144 13.01 -10.28 14.42
CA ARG B 144 13.86 -10.61 13.25
C ARG B 144 13.46 -9.73 12.06
N ASP B 145 14.37 -9.59 11.11
CA ASP B 145 14.18 -8.82 9.84
C ASP B 145 13.46 -9.66 8.80
N THR B 146 13.26 -10.96 9.04
CA THR B 146 12.51 -11.86 8.11
C THR B 146 11.49 -12.63 8.94
N VAL B 147 10.45 -13.19 8.30
CA VAL B 147 9.43 -13.97 9.03
C VAL B 147 10.11 -15.23 9.58
N VAL B 148 9.79 -15.55 10.81
CA VAL B 148 10.17 -16.82 11.49
C VAL B 148 9.39 -17.93 10.78
N GLY B 149 10.09 -18.95 10.27
CA GLY B 149 9.61 -19.81 9.18
C GLY B 149 8.53 -20.80 9.59
N THR B 150 8.08 -20.77 10.85
CA THR B 150 7.07 -21.72 11.38
C THR B 150 5.87 -20.93 11.91
N MET B 151 4.78 -21.65 12.20
CA MET B 151 3.56 -21.13 12.88
C MET B 151 3.07 -22.23 13.83
N GLY B 152 2.33 -21.85 14.88
CA GLY B 152 1.74 -22.79 15.85
C GLY B 152 2.63 -23.05 17.05
N LEU B 153 3.60 -22.17 17.29
CA LEU B 153 4.49 -22.15 18.50
C LEU B 153 5.48 -23.33 18.46
N LYS B 154 6.00 -23.65 17.26
CA LYS B 154 6.98 -24.75 17.04
C LYS B 154 8.41 -24.20 17.08
N ALA B 155 9.39 -25.10 17.24
CA ALA B 155 10.84 -24.79 17.20
C ALA B 155 11.18 -24.25 15.80
N THR B 156 11.93 -23.14 15.74
CA THR B 156 12.30 -22.43 14.50
C THR B 156 13.58 -23.03 13.92
N GLY B 157 14.39 -23.68 14.76
CA GLY B 157 15.70 -24.26 14.40
C GLY B 157 16.84 -23.48 15.03
N ARG B 158 16.60 -22.24 15.46
CA ARG B 158 17.62 -21.35 16.07
C ARG B 158 17.57 -21.51 17.60
N LEU B 159 18.66 -21.14 18.27
CA LEU B 159 18.82 -21.27 19.74
C LEU B 159 19.04 -19.90 20.38
N CYS B 160 18.61 -19.74 21.63
CA CYS B 160 18.76 -18.48 22.41
C CYS B 160 20.25 -18.13 22.51
N THR B 161 20.57 -16.84 22.43
CA THR B 161 21.94 -16.27 22.41
C THR B 161 22.18 -15.40 23.65
N VAL B 162 21.34 -15.51 24.69
CA VAL B 162 21.48 -14.70 25.94
C VAL B 162 22.66 -15.28 26.75
N ALA B 163 23.58 -14.41 27.18
CA ALA B 163 24.87 -14.74 27.83
C ALA B 163 24.62 -15.56 29.10
N CYS B 171 22.23 -19.59 27.38
CA CYS B 171 20.91 -20.25 27.59
C CYS B 171 20.71 -21.35 26.56
N ARG B 172 20.94 -21.01 25.28
CA ARG B 172 20.88 -21.97 24.13
C ARG B 172 19.52 -22.67 24.14
N GLY B 173 18.49 -22.03 24.69
CA GLY B 173 17.12 -22.55 24.71
C GLY B 173 16.53 -22.64 23.32
N GLU B 174 15.51 -23.48 23.15
CA GLU B 174 14.79 -23.68 21.86
C GLU B 174 13.95 -22.43 21.57
N LEU B 175 14.24 -21.74 20.46
CA LEU B 175 13.45 -20.56 19.99
C LEU B 175 12.22 -21.07 19.23
N ARG B 176 11.05 -20.57 19.59
CA ARG B 176 9.75 -20.93 18.97
C ARG B 176 9.09 -19.68 18.40
N ASP B 177 8.31 -19.84 17.32
CA ASP B 177 7.47 -18.76 16.75
C ASP B 177 6.43 -18.37 17.81
N THR B 178 5.77 -17.22 17.64
CA THR B 178 4.73 -16.69 18.57
C THR B 178 3.34 -16.77 17.94
N ILE B 179 3.18 -17.50 16.82
CA ILE B 179 1.91 -17.54 16.04
C ILE B 179 0.98 -18.60 16.63
N LEU B 180 0.01 -18.15 17.44
CA LEU B 180 -1.10 -18.96 18.03
C LEU B 180 -1.78 -19.79 16.93
N ASP B 181 -1.90 -21.11 17.15
CA ASP B 181 -2.88 -21.96 16.41
C ASP B 181 -4.25 -21.82 17.09
N TRP B 182 -5.29 -22.41 16.49
CA TRP B 182 -6.71 -22.30 16.94
C TRP B 182 -6.86 -22.66 18.42
N GLU B 183 -6.14 -23.69 18.88
CA GLU B 183 -6.30 -24.28 20.24
C GLU B 183 -5.56 -23.47 21.29
N ASP B 184 -4.69 -22.54 20.88
CA ASP B 184 -3.69 -21.90 21.78
C ASP B 184 -4.34 -20.76 22.59
N SER B 185 -4.09 -20.74 23.90
CA SER B 185 -4.39 -19.60 24.81
C SER B 185 -3.62 -18.37 24.31
N LEU B 186 -4.23 -17.18 24.42
CA LEU B 186 -3.55 -15.88 24.16
C LEU B 186 -2.40 -15.71 25.16
N PRO B 187 -1.29 -15.03 24.78
CA PRO B 187 -0.22 -14.73 25.72
C PRO B 187 -0.76 -13.94 26.92
N ASP B 188 -0.52 -14.46 28.13
CA ASP B 188 -1.08 -13.93 29.42
C ASP B 188 -0.66 -12.47 29.61
N ARG B 189 0.61 -12.14 29.37
CA ARG B 189 1.17 -10.78 29.58
C ARG B 189 0.43 -9.78 28.69
N ASP B 190 0.35 -10.06 27.38
CA ASP B 190 -0.29 -9.18 26.36
C ASP B 190 -1.78 -9.01 26.66
N LEU B 191 -2.48 -10.09 27.05
CA LEU B 191 -3.95 -10.08 27.26
C LEU B 191 -4.32 -9.31 28.54
N ALA B 192 -3.53 -9.49 29.61
CA ALA B 192 -3.70 -8.75 30.88
C ALA B 192 -3.54 -7.25 30.60
N LEU B 193 -2.46 -6.86 29.93
CA LEU B 193 -2.16 -5.42 29.66
C LEU B 193 -3.24 -4.86 28.73
N ALA B 194 -3.67 -5.63 27.72
CA ALA B 194 -4.75 -5.25 26.79
C ALA B 194 -6.08 -5.10 27.55
N ASP B 195 -6.36 -6.01 28.50
CA ASP B 195 -7.64 -6.03 29.26
C ASP B 195 -7.67 -4.82 30.20
N GLU B 196 -6.57 -4.57 30.88
CA GLU B 196 -6.35 -3.41 31.80
C GLU B 196 -6.51 -2.09 31.03
N ALA B 197 -5.88 -1.99 29.86
CA ALA B 197 -5.92 -0.76 29.02
C ALA B 197 -7.37 -0.51 28.59
N SER B 198 -8.10 -1.57 28.20
CA SER B 198 -9.49 -1.51 27.69
C SER B 198 -10.46 -1.13 28.83
N ARG B 199 -10.30 -1.75 30.00
CA ARG B 199 -11.12 -1.43 31.22
C ARG B 199 -10.94 0.04 31.59
N ASN B 200 -9.69 0.51 31.61
CA ASN B 200 -9.30 1.87 32.08
C ASN B 200 -9.65 2.94 31.04
N ALA B 201 -9.68 2.58 29.75
CA ALA B 201 -9.95 3.53 28.63
C ALA B 201 -11.27 4.27 28.87
N ASP B 202 -11.39 5.51 28.40
CA ASP B 202 -12.69 6.22 28.29
C ASP B 202 -13.11 6.27 26.81
N LEU B 203 -12.18 5.94 25.90
CA LEU B 203 -12.47 5.76 24.45
C LEU B 203 -11.70 4.57 23.90
N SER B 204 -12.42 3.62 23.32
CA SER B 204 -11.86 2.51 22.52
C SER B 204 -12.27 2.74 21.07
N ILE B 205 -11.28 2.79 20.17
CA ILE B 205 -11.51 2.92 18.69
C ILE B 205 -11.05 1.60 18.09
N THR B 206 -11.96 0.87 17.43
CA THR B 206 -11.61 -0.33 16.65
C THR B 206 -11.37 0.11 15.20
N LEU B 207 -10.35 -0.46 14.56
CA LEU B 207 -9.96 -0.10 13.17
C LEU B 207 -9.80 -1.41 12.40
N GLY B 208 -10.66 -1.64 11.40
CA GLY B 208 -10.48 -2.76 10.44
C GLY B 208 -10.43 -4.11 11.13
N THR B 209 -11.29 -4.32 12.13
CA THR B 209 -11.55 -5.63 12.80
C THR B 209 -13.06 -5.89 12.83
N SER B 210 -13.49 -7.12 12.55
CA SER B 210 -14.91 -7.54 12.58
C SER B 210 -15.35 -7.96 14.00
N LEU B 211 -14.39 -8.02 14.93
CA LEU B 211 -14.60 -8.24 16.40
C LEU B 211 -15.27 -9.60 16.67
N GLN B 212 -14.97 -10.62 15.86
CA GLN B 212 -15.65 -11.94 15.90
C GLN B 212 -14.86 -12.95 16.75
N ILE B 213 -13.60 -12.66 17.11
CA ILE B 213 -12.75 -13.61 17.88
C ILE B 213 -12.77 -13.21 19.35
N ARG B 214 -13.05 -14.17 20.24
CA ARG B 214 -12.98 -14.03 21.72
C ARG B 214 -11.58 -14.41 22.19
N PRO B 215 -10.97 -13.68 23.14
CA PRO B 215 -11.59 -12.53 23.78
C PRO B 215 -11.27 -11.18 23.11
N SER B 216 -10.43 -11.21 22.07
CA SER B 216 -9.87 -10.02 21.39
C SER B 216 -10.99 -9.06 20.99
N GLY B 217 -12.02 -9.57 20.33
CA GLY B 217 -13.15 -8.79 19.80
C GLY B 217 -14.01 -8.22 20.91
N ASN B 218 -13.92 -8.78 22.13
CA ASN B 218 -14.73 -8.34 23.30
C ASN B 218 -14.04 -7.22 24.09
N LEU B 219 -12.72 -7.11 24.04
CA LEU B 219 -11.93 -6.11 24.83
C LEU B 219 -12.49 -4.70 24.65
N PRO B 220 -12.82 -4.26 23.42
CA PRO B 220 -13.43 -2.93 23.23
C PRO B 220 -14.71 -2.69 24.03
N LEU B 221 -15.51 -3.74 24.26
CA LEU B 221 -16.74 -3.63 25.10
C LEU B 221 -16.37 -3.27 26.53
N ALA B 222 -15.26 -3.79 27.04
CA ALA B 222 -14.79 -3.54 28.43
C ALA B 222 -14.74 -2.03 28.69
N THR B 223 -14.42 -1.23 27.66
CA THR B 223 -14.38 0.26 27.72
C THR B 223 -15.78 0.78 28.09
N LYS B 224 -16.84 0.15 27.59
CA LYS B 224 -18.26 0.57 27.82
C LYS B 224 -18.59 0.58 29.32
N ARG B 225 -18.13 -0.45 30.06
CA ARG B 225 -18.27 -0.50 31.54
C ARG B 225 -17.64 0.76 32.14
N ARG B 226 -18.40 1.51 32.94
CA ARG B 226 -18.00 2.76 33.65
C ARG B 226 -17.99 3.93 32.66
N GLY B 227 -18.83 3.86 31.62
CA GLY B 227 -19.29 5.03 30.85
C GLY B 227 -18.37 5.40 29.71
N GLY B 228 -17.36 4.58 29.41
CA GLY B 228 -16.43 4.78 28.29
C GLY B 228 -17.15 4.73 26.95
N ARG B 229 -16.59 5.38 25.92
CA ARG B 229 -17.17 5.44 24.56
C ARG B 229 -16.48 4.39 23.69
N LEU B 230 -17.22 3.85 22.72
CA LEU B 230 -16.74 2.86 21.74
C LEU B 230 -17.00 3.41 20.33
N VAL B 231 -15.94 3.50 19.52
CA VAL B 231 -16.04 3.84 18.07
C VAL B 231 -15.56 2.62 17.29
N ILE B 232 -16.34 2.22 16.31
CA ILE B 232 -16.01 1.10 15.37
C ILE B 232 -15.84 1.72 13.98
N VAL B 233 -14.64 1.57 13.40
CA VAL B 233 -14.35 1.96 12.00
C VAL B 233 -14.15 0.65 11.24
N ASN B 234 -15.00 0.38 10.26
CA ASN B 234 -14.97 -0.90 9.51
C ASN B 234 -15.80 -0.76 8.22
N LEU B 235 -15.41 -1.46 7.16
CA LEU B 235 -16.17 -1.48 5.90
C LEU B 235 -17.40 -2.39 6.04
N GLN B 236 -17.25 -3.52 6.74
CA GLN B 236 -18.32 -4.52 6.98
C GLN B 236 -18.92 -4.33 8.36
N PRO B 237 -20.14 -4.86 8.61
CA PRO B 237 -20.66 -5.01 9.96
C PRO B 237 -19.65 -5.76 10.84
N THR B 238 -19.74 -5.56 12.15
CA THR B 238 -18.89 -6.21 13.16
C THR B 238 -19.81 -6.82 14.21
N LYS B 239 -19.33 -7.80 14.97
CA LYS B 239 -20.14 -8.51 16.00
C LYS B 239 -20.79 -7.50 16.94
N HIS B 240 -20.16 -6.34 17.21
CA HIS B 240 -20.57 -5.44 18.34
C HIS B 240 -21.08 -4.08 17.86
N ASP B 241 -21.52 -3.94 16.60
CA ASP B 241 -22.02 -2.66 16.04
C ASP B 241 -23.05 -2.02 16.97
N ARG B 242 -23.91 -2.85 17.57
CA ARG B 242 -24.97 -2.46 18.54
C ARG B 242 -24.37 -1.58 19.64
N HIS B 243 -23.26 -2.01 20.23
CA HIS B 243 -22.67 -1.38 21.45
C HIS B 243 -21.85 -0.12 21.11
N ALA B 244 -21.67 0.22 19.83
CA ALA B 244 -20.86 1.39 19.42
C ALA B 244 -21.65 2.67 19.65
N ASP B 245 -20.98 3.72 20.12
CA ASP B 245 -21.54 5.11 20.14
C ASP B 245 -21.38 5.73 18.74
N LEU B 246 -20.48 5.18 17.92
CA LEU B 246 -20.13 5.76 16.60
C LEU B 246 -19.58 4.65 15.70
N ARG B 247 -20.17 4.52 14.52
CA ARG B 247 -19.78 3.55 13.48
C ARG B 247 -19.38 4.34 12.26
N ILE B 248 -18.17 4.12 11.75
CA ILE B 248 -17.65 4.82 10.55
C ILE B 248 -17.37 3.75 9.50
N HIS B 249 -18.17 3.77 8.43
CA HIS B 249 -18.07 2.84 7.29
C HIS B 249 -17.27 3.55 6.21
N GLY B 250 -15.95 3.32 6.19
CA GLY B 250 -15.03 3.83 5.15
C GLY B 250 -13.67 3.18 5.27
N TYR B 251 -12.82 3.37 4.25
CA TYR B 251 -11.40 2.96 4.27
C TYR B 251 -10.74 3.63 5.48
N VAL B 252 -10.06 2.83 6.30
CA VAL B 252 -9.46 3.30 7.58
C VAL B 252 -8.38 4.34 7.26
N ASP B 253 -7.67 4.23 6.14
CA ASP B 253 -6.66 5.27 5.77
C ASP B 253 -7.35 6.63 5.59
N GLU B 254 -8.50 6.70 4.91
CA GLU B 254 -9.22 7.97 4.65
C GLU B 254 -9.63 8.55 6.01
N VAL B 255 -10.20 7.72 6.86
CA VAL B 255 -10.70 8.13 8.19
C VAL B 255 -9.52 8.69 8.97
N MET B 256 -8.39 7.98 9.01
CA MET B 256 -7.26 8.37 9.90
C MET B 256 -6.57 9.61 9.33
N THR B 257 -6.42 9.74 8.02
CA THR B 257 -5.81 10.94 7.38
C THR B 257 -6.69 12.16 7.69
N ARG B 258 -8.03 12.01 7.61
CA ARG B 258 -8.97 13.11 7.92
C ARG B 258 -8.89 13.39 9.41
N LEU B 259 -8.83 12.36 10.25
CA LEU B 259 -8.74 12.57 11.71
C LEU B 259 -7.46 13.33 12.07
N MET B 260 -6.31 12.90 11.55
CA MET B 260 -4.99 13.51 11.87
C MET B 260 -5.04 15.00 11.48
N LYS B 261 -5.63 15.30 10.33
CA LYS B 261 -5.83 16.68 9.81
C LYS B 261 -6.65 17.49 10.82
N HIS B 262 -7.77 16.96 11.29
CA HIS B 262 -8.63 17.62 12.31
C HIS B 262 -7.80 17.88 13.58
N LEU B 263 -6.90 16.97 13.94
CA LEU B 263 -6.10 17.05 15.18
C LEU B 263 -4.86 17.94 14.97
N GLY B 264 -4.60 18.40 13.73
CA GLY B 264 -3.43 19.23 13.37
C GLY B 264 -2.13 18.47 13.43
N LEU B 265 -2.16 17.16 13.16
CA LEU B 265 -1.00 16.26 13.28
C LEU B 265 -0.59 15.80 11.89
N GLU B 266 0.71 15.77 11.64
CA GLU B 266 1.29 15.18 10.41
C GLU B 266 1.32 13.67 10.61
N ILE B 267 1.28 12.91 9.53
CA ILE B 267 1.60 11.46 9.55
C ILE B 267 3.09 11.35 9.23
N PRO B 268 3.89 10.84 10.18
CA PRO B 268 5.34 10.80 10.00
C PRO B 268 5.76 9.78 8.92
N ALA B 269 6.89 10.09 8.28
CA ALA B 269 7.59 9.25 7.29
C ALA B 269 8.03 7.94 7.95
N TRP B 270 8.03 6.86 7.17
CA TRP B 270 8.56 5.54 7.59
C TRP B 270 9.97 5.38 6.99
N ASP B 271 10.97 5.19 7.85
CA ASP B 271 12.41 5.10 7.50
C ASP B 271 12.80 3.67 7.13
N GLY B 272 11.83 2.76 7.01
CA GLY B 272 12.10 1.32 6.95
C GLY B 272 11.98 0.68 8.34
N PRO B 273 12.20 -0.65 8.43
CA PRO B 273 11.90 -1.41 9.65
C PRO B 273 12.76 -0.94 10.82
N ARG B 274 12.11 -0.52 11.90
CA ARG B 274 12.79 -0.08 13.13
C ARG B 274 12.02 -0.59 14.33
N VAL B 275 12.72 -1.03 15.38
CA VAL B 275 12.11 -1.62 16.60
C VAL B 275 12.40 -0.68 17.75
N LEU B 276 11.34 -0.21 18.41
CA LEU B 276 11.39 0.66 19.61
C LEU B 276 10.76 -0.14 20.74
N GLU B 277 11.52 -0.47 21.77
CA GLU B 277 11.00 -1.27 22.92
C GLU B 277 10.08 -0.39 23.78
N ARG B 278 10.49 0.84 24.10
CA ARG B 278 9.87 1.64 25.17
C ARG B 278 9.39 2.99 24.63
N ALA B 279 8.18 3.36 25.02
CA ALA B 279 7.57 4.69 24.78
C ALA B 279 8.44 5.77 25.43
N LEU B 280 8.46 6.96 24.81
CA LEU B 280 9.04 8.19 25.37
C LEU B 280 7.92 9.03 25.99
N PRO B 281 8.26 10.04 26.81
CA PRO B 281 7.33 11.10 27.18
C PRO B 281 6.70 11.70 25.93
N PRO B 282 5.44 12.16 26.01
CA PRO B 282 4.77 12.71 24.83
C PRO B 282 5.53 13.90 24.25
N LEU B 283 5.54 13.99 22.92
CA LEU B 283 6.01 15.18 22.17
C LEU B 283 4.97 16.29 22.31
N PRO B 284 5.34 17.54 21.98
CA PRO B 284 4.38 18.65 21.97
C PRO B 284 3.23 18.35 21.00
N ARG B 285 1.99 18.73 21.36
CA ARG B 285 0.82 18.58 20.47
C ARG B 285 0.04 19.90 20.43
N PRO B 286 -0.79 20.12 19.38
CA PRO B 286 -1.52 21.38 19.27
C PRO B 286 -2.40 21.58 20.49
N PRO B 287 -2.75 22.83 20.84
CA PRO B 287 -3.74 23.09 21.89
C PRO B 287 -5.12 22.62 21.41
N THR B 288 -6.01 22.30 22.36
CA THR B 288 -7.34 21.68 22.08
C THR B 288 -8.35 22.76 21.68
N PRO B 289 -9.26 22.48 20.73
CA PRO B 289 -10.42 23.33 20.50
C PRO B 289 -11.32 23.46 21.74
N LYS B 290 -12.07 24.56 21.82
CA LYS B 290 -13.28 24.70 22.68
C LYS B 290 -14.37 23.82 22.07
N LEU B 291 -14.95 22.90 22.82
CA LEU B 291 -15.91 21.90 22.28
C LEU B 291 -17.36 22.36 22.56
N GLU B 292 -17.75 22.45 23.84
CA GLU B 292 -19.11 22.90 24.26
C GLU B 292 -19.23 24.41 23.98
#